data_4QIH
#
_entry.id   4QIH
#
_cell.length_a   46.312
_cell.length_b   82.762
_cell.length_c   131.319
_cell.angle_alpha   90.00
_cell.angle_beta   90.00
_cell.angle_gamma   90.00
#
_symmetry.space_group_name_H-M   'P 21 21 21'
#
loop_
_entity.id
_entity.type
_entity.pdbx_description
1 polymer 'Glucosyl-3-phosphoglycerate phosphatase'
2 non-polymer 'VANADATE ION'
3 water water
#
_entity_poly.entity_id   1
_entity_poly.type   'polypeptide(L)'
_entity_poly.pdbx_seq_one_letter_code
;MRARRLVMLRHGQTDYNVGSRMQGQLDTELSELGRTQAVAAAEVLGKRQPLLIVSSDLRRAYDTAVKLGERTGLVVRVDT
RLRETHLGDWQGLTHAQIDADAPGARLAWREDATWAPHGGESRVDVAARSRPLVAELVASEPEWGGADEPDRPVVLVAHG
GLIAALSAALLKLPVANWPALGGMGNASWTQLSGHWAPGSDFESIRWRLDVWNASAQVSSDVL
;
_entity_poly.pdbx_strand_id   A,B
#
loop_
_chem_comp.id
_chem_comp.type
_chem_comp.name
_chem_comp.formula
VN3 non-polymer 'VANADATE ION' 'O3 V -1'
#
# COMPACT_ATOMS: atom_id res chain seq x y z
N ALA A 3 -12.15 13.33 7.27
CA ALA A 3 -10.96 12.48 7.23
C ALA A 3 -9.67 13.23 6.94
N ARG A 4 -8.59 12.88 7.65
CA ARG A 4 -7.26 13.53 7.50
C ARG A 4 -6.36 12.69 6.62
N ARG A 5 -5.89 13.27 5.52
CA ARG A 5 -4.98 12.53 4.64
C ARG A 5 -3.50 12.84 4.96
N LEU A 6 -2.72 11.78 5.13
CA LEU A 6 -1.30 11.87 5.51
C LEU A 6 -0.46 11.24 4.45
N VAL A 7 0.43 12.03 3.84
CA VAL A 7 1.27 11.53 2.76
C VAL A 7 2.72 11.51 3.20
N MET A 8 3.38 10.42 2.86
CA MET A 8 4.73 10.14 3.30
C MET A 8 5.53 9.77 2.10
N LEU A 9 6.60 10.53 1.88
CA LEU A 9 7.41 10.44 0.67
C LEU A 9 8.83 9.97 1.01
N ARG A 10 9.28 8.89 0.42
CA ARG A 10 10.64 8.50 0.62
C ARG A 10 11.56 9.41 -0.21
N HIS A 11 12.69 9.81 0.38
CA HIS A 11 13.73 10.56 -0.35
C HIS A 11 14.07 9.93 -1.71
N GLY A 12 14.50 10.77 -2.65
CA GLY A 12 14.99 10.30 -3.93
C GLY A 12 16.29 9.50 -3.82
N GLN A 13 16.69 8.87 -4.93
CA GLN A 13 17.89 8.02 -4.93
C GLN A 13 19.17 8.76 -4.46
N THR A 14 19.98 8.08 -3.64
CA THR A 14 21.32 8.55 -3.27
C THR A 14 22.37 7.70 -3.94
N ASP A 15 23.65 8.09 -3.84
CA ASP A 15 24.72 7.23 -4.36
C ASP A 15 24.84 5.98 -3.50
N TYR A 16 24.67 6.11 -2.18
CA TYR A 16 24.67 4.91 -1.33
C TYR A 16 23.56 3.94 -1.76
N ASN A 17 22.38 4.44 -2.13
CA ASN A 17 21.31 3.54 -2.57
C ASN A 17 21.83 2.75 -3.77
N VAL A 18 22.51 3.45 -4.68
CA VAL A 18 23.00 2.81 -5.89
C VAL A 18 23.94 1.68 -5.51
N GLY A 19 24.76 1.90 -4.50
CA GLY A 19 25.71 0.88 -4.04
C GLY A 19 25.23 -0.05 -2.94
N SER A 20 23.92 -0.08 -2.69
CA SER A 20 23.30 -0.96 -1.68
C SER A 20 24.06 -0.80 -0.40
N ARG A 21 24.35 0.44 -0.05
CA ARG A 21 25.17 0.75 1.11
C ARG A 21 24.26 1.41 2.12
N MET A 22 24.31 0.86 3.33
CA MET A 22 23.48 1.34 4.42
C MET A 22 23.89 2.73 4.88
N GLN A 23 22.90 3.57 5.14
CA GLN A 23 23.12 4.94 5.58
C GLN A 23 22.75 5.22 7.03
N GLY A 24 21.49 4.92 7.37
CA GLY A 24 20.97 5.28 8.67
C GLY A 24 20.95 6.77 8.83
N GLN A 25 21.67 7.28 9.83
CA GLN A 25 21.63 8.72 10.03
C GLN A 25 22.93 9.35 9.50
N LEU A 26 23.71 8.58 8.75
CA LEU A 26 24.71 9.20 7.93
C LEU A 26 24.06 10.15 6.89
N ASP A 27 24.59 11.36 6.78
CA ASP A 27 23.96 12.38 5.96
C ASP A 27 24.39 12.42 4.50
N THR A 28 23.99 11.40 3.75
CA THR A 28 24.36 11.26 2.34
C THR A 28 23.55 12.12 1.35
N GLU A 29 24.11 12.25 0.15
CA GLU A 29 23.62 13.17 -0.88
C GLU A 29 22.77 12.42 -1.87
N LEU A 30 21.77 13.12 -2.35
CA LEU A 30 21.05 12.67 -3.52
C LEU A 30 21.98 12.55 -4.70
N SER A 31 21.77 11.52 -5.49
CA SER A 31 22.39 11.37 -6.77
C SER A 31 21.69 12.26 -7.77
N GLU A 32 22.26 12.39 -8.96
CA GLU A 32 21.67 13.24 -9.98
C GLU A 32 20.28 12.75 -10.29
N LEU A 33 20.19 11.43 -10.45
CA LEU A 33 18.93 10.77 -10.71
C LEU A 33 17.92 11.05 -9.58
N GLY A 34 18.44 11.13 -8.35
CA GLY A 34 17.61 11.37 -7.20
C GLY A 34 17.01 12.76 -7.22
N ARG A 35 17.77 13.71 -7.76
CA ARG A 35 17.27 15.06 -7.85
C ARG A 35 16.17 15.19 -8.87
N THR A 36 16.34 14.53 -10.01
CA THR A 36 15.30 14.54 -11.02
C THR A 36 14.08 13.78 -10.45
N GLN A 37 14.28 12.70 -9.68
CA GLN A 37 13.11 12.01 -9.07
C GLN A 37 12.31 12.93 -8.17
N ALA A 38 13.01 13.77 -7.43
CA ALA A 38 12.34 14.66 -6.49
C ALA A 38 11.55 15.72 -7.24
N VAL A 39 12.10 16.18 -8.36
CA VAL A 39 11.37 17.11 -9.22
C VAL A 39 10.08 16.44 -9.69
N ALA A 40 10.21 15.25 -10.24
CA ALA A 40 9.03 14.54 -10.70
C ALA A 40 7.97 14.31 -9.62
N ALA A 41 8.40 13.96 -8.41
CA ALA A 41 7.44 13.67 -7.35
C ALA A 41 6.77 14.96 -6.86
N ALA A 42 7.52 16.05 -6.84
CA ALA A 42 6.96 17.31 -6.39
C ALA A 42 5.80 17.72 -7.29
N GLU A 43 5.93 17.44 -8.58
CA GLU A 43 4.85 17.77 -9.51
C GLU A 43 3.60 17.00 -9.14
N VAL A 44 3.75 15.69 -8.92
CA VAL A 44 2.57 14.89 -8.64
C VAL A 44 1.93 15.33 -7.33
N LEU A 45 2.75 15.42 -6.27
CA LEU A 45 2.20 15.74 -4.98
C LEU A 45 1.80 17.19 -4.92
N GLY A 46 2.45 18.05 -5.73
CA GLY A 46 2.14 19.47 -5.71
C GLY A 46 0.69 19.71 -6.11
N LYS A 47 0.22 18.95 -7.10
CA LYS A 47 -1.12 19.09 -7.62
C LYS A 47 -2.15 18.76 -6.55
N ARG A 48 -1.75 17.97 -5.57
CA ARG A 48 -2.69 17.59 -4.51
C ARG A 48 -2.80 18.74 -3.52
N GLN A 49 -2.04 19.81 -3.77
CA GLN A 49 -2.10 20.99 -2.90
C GLN A 49 -1.90 20.71 -1.41
N PRO A 50 -0.69 20.35 -1.01
CA PRO A 50 -0.43 20.08 0.40
C PRO A 50 -0.73 21.24 1.31
N LEU A 51 -1.17 20.90 2.51
CA LEU A 51 -1.38 21.85 3.57
C LEU A 51 -0.05 22.29 4.22
N LEU A 52 0.83 21.32 4.38
CA LEU A 52 2.05 21.49 5.12
C LEU A 52 3.09 20.46 4.68
N ILE A 53 4.36 20.83 4.83
CA ILE A 53 5.46 19.96 4.47
C ILE A 53 6.38 19.84 5.69
N VAL A 54 6.58 18.61 6.15
CA VAL A 54 7.55 18.37 7.19
C VAL A 54 8.52 17.33 6.75
N SER A 55 9.80 17.64 6.94
CA SER A 55 10.88 16.79 6.48
C SER A 55 11.85 16.33 7.54
N SER A 56 12.41 15.17 7.30
CA SER A 56 13.59 14.77 8.01
C SER A 56 14.67 15.83 7.73
N ASP A 57 15.55 16.10 8.70
CA ASP A 57 16.61 17.08 8.48
C ASP A 57 17.81 16.49 7.72
N LEU A 58 17.78 15.19 7.46
CA LEU A 58 18.83 14.59 6.62
C LEU A 58 18.68 15.14 5.19
N ARG A 59 19.80 15.51 4.57
CA ARG A 59 19.77 16.28 3.34
C ARG A 59 19.12 15.57 2.18
N ARG A 60 19.25 14.27 2.16
CA ARG A 60 18.64 13.53 1.09
C ARG A 60 17.12 13.71 1.16
N ALA A 61 16.55 13.88 2.36
CA ALA A 61 15.12 14.05 2.48
C ALA A 61 14.80 15.50 2.31
N TYR A 62 15.59 16.31 2.98
CA TYR A 62 15.36 17.74 2.98
C TYR A 62 15.42 18.27 1.52
N ASP A 63 16.42 17.84 0.75
CA ASP A 63 16.53 18.25 -0.65
C ASP A 63 15.36 17.77 -1.46
N THR A 64 14.87 16.57 -1.13
CA THR A 64 13.67 16.10 -1.78
C THR A 64 12.50 17.02 -1.43
N ALA A 65 12.42 17.40 -0.16
CA ALA A 65 11.30 18.20 0.30
C ALA A 65 11.31 19.63 -0.29
N VAL A 66 12.51 20.17 -0.48
CA VAL A 66 12.67 21.53 -0.97
C VAL A 66 12.01 21.63 -2.37
N LYS A 67 12.20 20.63 -3.24
CA LYS A 67 11.53 20.68 -4.57
C LYS A 67 10.01 20.74 -4.45
N LEU A 68 9.41 20.06 -3.46
CA LEU A 68 7.97 20.19 -3.31
C LEU A 68 7.63 21.58 -2.78
N GLY A 69 8.40 22.08 -1.84
CA GLY A 69 8.25 23.45 -1.40
C GLY A 69 8.30 24.47 -2.53
N GLU A 70 9.22 24.29 -3.48
CA GLU A 70 9.35 25.22 -4.60
C GLU A 70 8.11 25.13 -5.52
N ARG A 71 7.68 23.91 -5.82
CA ARG A 71 6.50 23.69 -6.63
C ARG A 71 5.25 24.24 -5.97
N THR A 72 5.18 24.33 -4.64
CA THR A 72 3.89 24.65 -3.99
C THR A 72 3.88 25.97 -3.25
N GLY A 73 5.04 26.58 -3.16
CA GLY A 73 5.15 27.83 -2.45
C GLY A 73 5.01 27.68 -0.94
N LEU A 74 5.16 26.45 -0.42
CA LEU A 74 5.12 26.25 1.03
C LEU A 74 6.56 26.19 1.59
N VAL A 75 6.72 26.69 2.82
CA VAL A 75 7.94 26.48 3.61
C VAL A 75 8.10 24.99 3.93
N VAL A 76 9.34 24.55 4.03
CA VAL A 76 9.69 23.23 4.48
C VAL A 76 10.04 23.20 5.97
N ARG A 77 9.17 22.65 6.81
CA ARG A 77 9.51 22.50 8.22
C ARG A 77 10.43 21.26 8.36
N VAL A 78 11.29 21.26 9.38
CA VAL A 78 12.29 20.21 9.54
C VAL A 78 12.15 19.54 10.95
N ASP A 79 12.24 18.21 11.05
CA ASP A 79 12.15 17.56 12.40
C ASP A 79 13.06 16.35 12.51
N THR A 80 13.97 16.36 13.46
CA THR A 80 14.88 15.21 13.63
C THR A 80 14.11 13.92 13.92
N ARG A 81 12.88 14.02 14.38
CA ARG A 81 12.10 12.79 14.64
C ARG A 81 11.63 12.06 13.40
N LEU A 82 11.83 12.66 12.25
CA LEU A 82 11.55 11.99 10.99
C LEU A 82 12.77 11.35 10.37
N ARG A 83 13.92 11.41 11.05
CA ARG A 83 15.12 10.77 10.47
C ARG A 83 14.95 9.27 10.25
N GLU A 84 15.72 8.76 9.30
CA GLU A 84 15.75 7.30 9.12
C GLU A 84 16.29 6.62 10.41
N THR A 85 15.87 5.38 10.57
CA THR A 85 16.40 4.44 11.54
C THR A 85 17.89 4.62 11.67
N HIS A 86 18.35 4.84 12.87
CA HIS A 86 19.78 4.77 13.13
C HIS A 86 20.18 3.33 12.96
N LEU A 87 21.17 3.05 12.13
CA LEU A 87 21.59 1.69 11.91
C LEU A 87 22.92 1.31 12.55
N GLY A 88 23.36 2.07 13.54
CA GLY A 88 24.56 1.71 14.31
C GLY A 88 25.80 1.23 13.51
N ASP A 89 26.29 0.05 13.89
CA ASP A 89 27.45 -0.62 13.28
C ASP A 89 27.30 -0.89 11.83
N TRP A 90 26.06 -0.86 11.34
CA TRP A 90 25.83 -1.17 9.94
C TRP A 90 26.00 0.04 9.02
N GLN A 91 26.02 1.25 9.57
CA GLN A 91 26.12 2.46 8.73
C GLN A 91 27.42 2.50 7.96
N GLY A 92 27.32 2.65 6.64
CA GLY A 92 28.51 2.70 5.79
C GLY A 92 28.89 1.36 5.15
N LEU A 93 28.32 0.29 5.65
CA LEU A 93 28.55 -1.02 5.07
C LEU A 93 27.51 -1.39 4.05
N THR A 94 27.91 -2.25 3.14
CA THR A 94 27.04 -2.72 2.11
C THR A 94 26.36 -4.00 2.58
N HIS A 95 25.32 -4.37 1.87
CA HIS A 95 24.62 -5.62 2.14
C HIS A 95 25.53 -6.84 2.19
N ALA A 96 26.38 -6.96 1.17
CA ALA A 96 27.36 -8.03 1.02
C ALA A 96 28.30 -8.11 2.19
N GLN A 97 28.74 -6.94 2.62
CA GLN A 97 29.65 -6.80 3.73
C GLN A 97 28.98 -7.24 5.02
N ILE A 98 27.74 -6.84 5.20
CA ILE A 98 27.01 -7.18 6.40
C ILE A 98 26.77 -8.70 6.45
N ASP A 99 26.40 -9.28 5.31
CA ASP A 99 26.08 -10.70 5.22
C ASP A 99 27.33 -11.57 5.45
N ALA A 100 28.48 -11.06 5.05
CA ALA A 100 29.72 -11.79 5.22
C ALA A 100 30.07 -11.96 6.71
N ASP A 101 29.86 -10.87 7.46
CA ASP A 101 30.07 -10.81 8.91
C ASP A 101 29.01 -11.50 9.71
N ALA A 102 27.78 -11.31 9.30
CA ALA A 102 26.67 -11.83 10.05
C ALA A 102 25.66 -12.42 9.10
N PRO A 103 25.95 -13.61 8.59
CA PRO A 103 24.99 -14.26 7.71
C PRO A 103 23.63 -14.33 8.40
N GLY A 104 22.58 -14.02 7.65
CA GLY A 104 21.22 -14.08 8.18
C GLY A 104 20.73 -12.94 9.08
N ALA A 105 21.63 -12.04 9.47
CA ALA A 105 21.27 -10.97 10.40
C ALA A 105 20.34 -9.94 9.76
N ARG A 106 20.55 -9.66 8.48
CA ARG A 106 19.67 -8.71 7.80
C ARG A 106 18.26 -9.23 7.69
N LEU A 107 18.12 -10.50 7.34
CA LEU A 107 16.81 -11.12 7.18
C LEU A 107 16.13 -11.19 8.54
N ALA A 108 16.88 -11.62 9.53
CA ALA A 108 16.38 -11.67 10.89
C ALA A 108 15.91 -10.28 11.38
N TRP A 109 16.68 -9.24 11.01
CA TRP A 109 16.37 -7.87 11.42
C TRP A 109 15.00 -7.47 10.89
N ARG A 110 14.81 -7.78 9.61
CA ARG A 110 13.61 -7.49 8.86
C ARG A 110 12.34 -8.11 9.42
N GLU A 111 12.47 -9.30 10.00
CA GLU A 111 11.31 -10.00 10.56
C GLU A 111 11.06 -9.71 12.03
N ASP A 112 11.86 -8.87 12.66
CA ASP A 112 11.61 -8.56 14.08
C ASP A 112 11.66 -7.05 14.34
N ALA A 113 10.48 -6.45 14.46
CA ALA A 113 10.35 -4.99 14.61
C ALA A 113 10.98 -4.47 15.92
N THR A 114 11.41 -5.37 16.80
CA THR A 114 12.02 -4.95 18.08
C THR A 114 13.52 -5.06 18.04
N TRP A 115 14.03 -5.66 16.98
CA TRP A 115 15.47 -5.83 16.92
C TRP A 115 16.19 -4.63 16.27
N ALA A 116 17.24 -4.15 16.94
CA ALA A 116 18.11 -3.08 16.45
C ALA A 116 19.51 -3.61 16.19
N PRO A 117 20.15 -3.11 15.15
CA PRO A 117 21.60 -3.27 14.99
C PRO A 117 22.31 -2.61 16.15
N HIS A 118 23.49 -3.14 16.48
CA HIS A 118 24.24 -2.65 17.62
C HIS A 118 24.54 -1.14 17.50
N GLY A 119 24.07 -0.38 18.47
CA GLY A 119 24.16 1.09 18.42
C GLY A 119 23.01 1.84 17.73
N GLY A 120 22.07 1.09 17.14
CA GLY A 120 21.03 1.66 16.32
C GLY A 120 19.62 1.59 16.89
N GLU A 121 18.60 1.69 16.04
CA GLU A 121 17.23 1.75 16.49
C GLU A 121 16.46 0.63 15.87
N SER A 122 15.47 0.15 16.62
CA SER A 122 14.46 -0.76 16.08
C SER A 122 13.33 0.04 15.46
N ARG A 123 12.46 -0.67 14.74
CA ARG A 123 11.25 -0.07 14.19
C ARG A 123 10.38 0.55 15.28
N VAL A 124 10.28 -0.17 16.39
CA VAL A 124 9.52 0.30 17.54
C VAL A 124 10.08 1.62 18.13
N ASP A 125 11.40 1.73 18.17
CA ASP A 125 12.05 2.92 18.67
C ASP A 125 11.73 4.15 17.76
N VAL A 126 11.77 3.90 16.46
CA VAL A 126 11.50 4.91 15.45
C VAL A 126 10.06 5.32 15.51
N ALA A 127 9.15 4.37 15.74
CA ALA A 127 7.72 4.71 15.87
C ALA A 127 7.55 5.54 17.13
N ALA A 128 8.30 5.21 18.18
CA ALA A 128 8.11 5.89 19.45
C ALA A 128 8.49 7.35 19.31
N ARG A 129 9.48 7.65 18.47
CA ARG A 129 9.84 9.05 18.27
C ARG A 129 8.96 9.72 17.20
N SER A 130 8.53 9.00 16.18
CA SER A 130 7.79 9.67 15.13
C SER A 130 6.26 9.78 15.36
N ARG A 131 5.63 8.81 16.03
CA ARG A 131 4.19 8.84 16.19
C ARG A 131 3.70 10.09 16.95
N PRO A 132 4.38 10.50 18.00
CA PRO A 132 3.90 11.71 18.64
C PRO A 132 3.92 12.97 17.74
N LEU A 133 4.78 13.01 16.73
CA LEU A 133 4.82 14.16 15.81
C LEU A 133 3.51 14.23 15.05
N VAL A 134 3.01 13.09 14.56
CA VAL A 134 1.72 13.06 13.88
C VAL A 134 0.67 13.55 14.86
N ALA A 135 0.71 13.08 16.10
CA ALA A 135 -0.25 13.55 17.09
C ALA A 135 -0.19 15.08 17.31
N GLU A 136 1.02 15.64 17.25
CA GLU A 136 1.20 17.08 17.44
C GLU A 136 0.56 17.88 16.30
N LEU A 137 0.67 17.35 15.08
CA LEU A 137 0.08 18.01 13.90
C LEU A 137 -1.43 17.92 13.88
N VAL A 138 -1.97 16.80 14.38
CA VAL A 138 -3.44 16.69 14.53
C VAL A 138 -3.88 17.85 15.42
N ALA A 139 -3.22 18.00 16.56
CA ALA A 139 -3.51 19.08 17.48
C ALA A 139 -3.22 20.48 16.89
N SER A 140 -2.10 20.66 16.18
CA SER A 140 -1.71 22.02 15.73
C SER A 140 -2.26 22.50 14.39
N GLU A 141 -2.92 21.64 13.61
CA GLU A 141 -3.38 22.04 12.27
C GLU A 141 -4.90 21.87 12.11
N PRO A 142 -5.68 22.83 12.61
CA PRO A 142 -7.15 22.75 12.57
C PRO A 142 -7.64 22.64 11.13
N GLU A 143 -6.89 23.18 10.18
CA GLU A 143 -7.32 23.14 8.79
C GLU A 143 -7.27 21.68 8.26
N TRP A 144 -6.50 20.82 8.92
CA TRP A 144 -6.28 19.45 8.40
C TRP A 144 -7.55 18.59 8.51
N GLY A 145 -8.00 18.07 7.36
CA GLY A 145 -9.31 17.45 7.29
C GLY A 145 -10.46 18.36 7.76
N GLY A 146 -10.22 19.67 7.77
CA GLY A 146 -11.25 20.61 8.18
C GLY A 146 -12.24 20.88 7.06
N ALA A 147 -13.29 21.65 7.35
CA ALA A 147 -14.45 21.84 6.47
C ALA A 147 -14.10 22.44 5.10
N ASP A 148 -13.17 23.39 5.11
CA ASP A 148 -12.85 24.18 3.94
C ASP A 148 -12.23 23.34 2.82
N GLU A 149 -11.14 22.67 3.15
CA GLU A 149 -10.40 21.90 2.17
C GLU A 149 -9.91 20.62 2.87
N PRO A 150 -10.78 19.62 2.98
CA PRO A 150 -10.50 18.47 3.85
C PRO A 150 -9.69 17.35 3.24
N ASP A 151 -9.35 17.51 1.97
CA ASP A 151 -8.59 16.50 1.24
C ASP A 151 -7.13 16.88 1.10
N ARG A 152 -6.82 18.13 1.41
CA ARG A 152 -5.45 18.63 1.36
C ARG A 152 -4.61 17.88 2.38
N PRO A 153 -3.56 17.18 1.91
CA PRO A 153 -2.79 16.27 2.76
C PRO A 153 -1.65 16.96 3.53
N VAL A 154 -1.30 16.40 4.67
CA VAL A 154 -0.01 16.75 5.28
C VAL A 154 1.00 15.90 4.62
N VAL A 155 2.15 16.49 4.24
CA VAL A 155 3.21 15.73 3.59
C VAL A 155 4.45 15.65 4.48
N LEU A 156 4.82 14.42 4.79
CA LEU A 156 6.03 14.14 5.53
C LEU A 156 7.02 13.57 4.56
N VAL A 157 8.20 14.19 4.46
CA VAL A 157 9.25 13.72 3.57
C VAL A 157 10.36 13.08 4.37
N ALA A 158 10.65 11.81 4.05
CA ALA A 158 11.52 11.06 4.92
C ALA A 158 12.20 9.92 4.22
N HIS A 159 12.06 8.73 4.82
CA HIS A 159 12.86 7.53 4.54
C HIS A 159 11.99 6.30 4.70
N GLY A 160 12.40 5.23 4.02
CA GLY A 160 11.63 4.00 3.95
C GLY A 160 11.43 3.34 5.30
N GLY A 161 12.50 3.22 6.09
CA GLY A 161 12.39 2.57 7.38
C GLY A 161 11.40 3.34 8.25
N LEU A 162 11.60 4.66 8.32
CA LEU A 162 10.71 5.49 9.14
C LEU A 162 9.28 5.35 8.66
N ILE A 163 9.05 5.28 7.37
CA ILE A 163 7.67 5.26 6.88
C ILE A 163 6.99 3.94 7.26
N ALA A 164 7.65 2.79 7.07
CA ALA A 164 7.07 1.51 7.45
C ALA A 164 6.73 1.54 8.94
N ALA A 165 7.66 2.04 9.75
CA ALA A 165 7.48 1.99 11.20
C ALA A 165 6.32 2.89 11.66
N LEU A 166 6.31 4.11 11.16
CA LEU A 166 5.30 5.07 11.53
C LEU A 166 3.92 4.61 11.03
N SER A 167 3.88 4.10 9.81
CA SER A 167 2.64 3.61 9.25
C SER A 167 2.05 2.43 10.07
N ALA A 168 2.86 1.44 10.36
CA ALA A 168 2.38 0.31 11.14
C ALA A 168 1.84 0.79 12.47
N ALA A 169 2.55 1.72 13.08
CA ALA A 169 2.13 2.25 14.38
C ALA A 169 0.84 3.06 14.28
N LEU A 170 0.69 3.84 13.21
CA LEU A 170 -0.55 4.63 13.08
C LEU A 170 -1.74 3.69 12.84
N LEU A 171 -1.51 2.67 12.02
CA LEU A 171 -2.49 1.65 11.75
C LEU A 171 -2.78 0.76 12.99
N LYS A 172 -1.98 0.87 14.03
CA LYS A 172 -2.10 0.07 15.24
C LYS A 172 -1.98 -1.44 14.99
N LEU A 173 -1.20 -1.84 13.99
CA LEU A 173 -0.82 -3.23 13.89
C LEU A 173 -0.09 -3.64 15.14
N PRO A 174 -0.30 -4.88 15.60
CA PRO A 174 0.58 -5.43 16.64
C PRO A 174 2.01 -5.46 16.11
N VAL A 175 2.95 -5.27 17.01
CA VAL A 175 4.35 -5.22 16.62
C VAL A 175 4.76 -6.45 15.82
N ALA A 176 4.20 -7.60 16.19
CA ALA A 176 4.57 -8.85 15.52
C ALA A 176 4.25 -8.77 14.05
N ASN A 177 3.29 -7.93 13.71
CA ASN A 177 2.89 -7.81 12.28
C ASN A 177 3.56 -6.68 11.51
N TRP A 178 4.37 -5.86 12.17
CA TRP A 178 4.97 -4.74 11.48
C TRP A 178 5.80 -5.14 10.24
N PRO A 179 6.46 -6.32 10.24
CA PRO A 179 7.21 -6.58 9.00
C PRO A 179 6.35 -6.86 7.77
N ALA A 180 5.02 -6.82 7.92
CA ALA A 180 4.16 -6.99 6.76
C ALA A 180 4.36 -5.81 5.77
N LEU A 181 4.78 -4.65 6.30
CA LEU A 181 5.03 -3.49 5.42
C LEU A 181 6.43 -3.50 4.86
N GLY A 182 6.42 -3.49 3.53
CA GLY A 182 7.58 -3.63 2.68
C GLY A 182 8.38 -2.38 2.48
N GLY A 183 9.03 -2.37 1.33
CA GLY A 183 10.01 -1.36 0.98
C GLY A 183 9.49 -0.36 -0.04
N MET A 184 9.64 0.90 0.31
CA MET A 184 9.28 1.99 -0.56
C MET A 184 10.30 2.26 -1.62
N GLY A 185 9.84 2.62 -2.82
CA GLY A 185 10.74 3.12 -3.85
C GLY A 185 11.23 4.53 -3.56
N ASN A 186 12.33 4.93 -4.21
CA ASN A 186 12.81 6.32 -4.12
C ASN A 186 11.75 7.25 -4.70
N ALA A 187 11.45 8.35 -3.98
CA ALA A 187 10.44 9.32 -4.35
C ALA A 187 9.10 8.68 -4.56
N SER A 188 8.87 7.54 -3.92
CA SER A 188 7.53 6.93 -3.93
C SER A 188 6.85 7.36 -2.66
N TRP A 189 5.52 7.28 -2.63
CA TRP A 189 4.82 7.73 -1.45
C TRP A 189 3.75 6.76 -0.97
N THR A 190 3.33 7.02 0.26
CA THR A 190 2.31 6.22 0.94
C THR A 190 1.31 7.24 1.51
N GLN A 191 0.03 6.88 1.50
CA GLN A 191 -1.04 7.71 2.06
C GLN A 191 -1.89 6.91 3.02
N LEU A 192 -2.08 7.49 4.20
CA LEU A 192 -2.96 6.98 5.18
C LEU A 192 -4.10 7.97 5.32
N SER A 193 -5.24 7.47 5.73
CA SER A 193 -6.34 8.32 6.09
C SER A 193 -6.75 8.10 7.51
N GLY A 194 -6.87 9.21 8.23
CA GLY A 194 -7.33 9.20 9.60
C GLY A 194 -8.79 9.68 9.74
N HIS A 195 -9.67 8.74 10.10
CA HIS A 195 -11.13 8.97 10.23
C HIS A 195 -11.56 9.13 11.68
N TRP A 196 -12.53 10.01 11.94
CA TRP A 196 -13.07 10.25 13.30
C TRP A 196 -14.39 11.03 13.35
N ASP A 201 -9.71 12.98 20.84
CA ASP A 201 -8.56 12.25 21.36
C ASP A 201 -7.78 11.70 20.19
N PHE A 202 -6.45 11.63 20.31
CA PHE A 202 -5.65 11.25 19.15
C PHE A 202 -5.78 9.74 18.93
N GLU A 203 -5.85 8.97 20.02
CA GLU A 203 -5.91 7.52 19.91
C GLU A 203 -7.18 7.04 19.22
N SER A 204 -8.24 7.85 19.31
CA SER A 204 -9.52 7.53 18.71
C SER A 204 -9.48 7.56 17.18
N ILE A 205 -8.50 8.25 16.62
CA ILE A 205 -8.41 8.29 15.18
C ILE A 205 -8.14 6.89 14.63
N ARG A 206 -8.90 6.53 13.62
CA ARG A 206 -8.78 5.25 12.96
C ARG A 206 -8.07 5.43 11.63
N TRP A 207 -6.84 4.97 11.52
CA TRP A 207 -6.06 5.19 10.30
C TRP A 207 -6.27 4.01 9.40
N ARG A 208 -6.38 4.21 8.10
CA ARG A 208 -6.35 3.09 7.17
C ARG A 208 -5.33 3.38 6.08
N LEU A 209 -4.90 2.34 5.37
CA LEU A 209 -3.90 2.51 4.31
C LEU A 209 -4.57 2.71 2.95
N ASP A 210 -4.45 3.92 2.37
CA ASP A 210 -5.08 4.16 1.06
C ASP A 210 -4.15 3.75 -0.06
N VAL A 211 -2.87 4.00 0.14
CA VAL A 211 -1.90 3.70 -0.89
C VAL A 211 -0.59 3.35 -0.20
N TRP A 212 0.03 2.25 -0.59
CA TRP A 212 1.39 1.93 -0.15
C TRP A 212 2.32 1.88 -1.36
N ASN A 213 3.31 2.77 -1.38
CA ASN A 213 4.39 2.74 -2.36
C ASN A 213 3.93 3.00 -3.79
N ALA A 214 3.23 4.10 -3.99
CA ALA A 214 2.95 4.59 -5.36
C ALA A 214 4.19 5.27 -5.92
N SER A 215 4.39 5.18 -7.23
CA SER A 215 5.66 5.60 -7.85
C SER A 215 5.74 7.09 -8.28
N ALA B 3 12.38 -14.93 -3.53
CA ALA B 3 10.96 -14.79 -3.19
C ALA B 3 10.05 -14.51 -4.40
N ARG B 4 8.79 -14.90 -4.24
CA ARG B 4 7.76 -14.84 -5.27
C ARG B 4 6.87 -13.60 -5.24
N ARG B 5 6.74 -12.95 -6.39
CA ARG B 5 5.88 -11.80 -6.56
C ARG B 5 4.44 -12.20 -6.89
N LEU B 6 3.51 -11.65 -6.12
CA LEU B 6 2.08 -11.85 -6.36
C LEU B 6 1.40 -10.51 -6.60
N VAL B 7 0.84 -10.36 -7.79
CA VAL B 7 0.18 -9.11 -8.17
C VAL B 7 -1.36 -9.34 -8.26
N MET B 8 -2.13 -8.39 -7.76
CA MET B 8 -3.59 -8.47 -7.70
C MET B 8 -4.21 -7.18 -8.26
N LEU B 9 -5.02 -7.32 -9.30
CA LEU B 9 -5.54 -6.18 -10.03
C LEU B 9 -7.07 -6.07 -9.91
N ARG B 10 -7.56 -4.94 -9.43
CA ARG B 10 -9.00 -4.76 -9.40
C ARG B 10 -9.51 -4.42 -10.76
N HIS B 11 -10.69 -4.96 -11.07
CA HIS B 11 -11.42 -4.65 -12.31
C HIS B 11 -11.51 -3.17 -12.60
N GLY B 12 -11.60 -2.85 -13.89
CA GLY B 12 -11.88 -1.50 -14.32
C GLY B 12 -13.26 -1.06 -13.89
N GLN B 13 -13.52 0.21 -14.08
CA GLN B 13 -14.80 0.82 -13.71
C GLN B 13 -15.96 0.12 -14.43
N THR B 14 -17.04 -0.12 -13.69
CA THR B 14 -18.33 -0.55 -14.23
C THR B 14 -19.31 0.62 -14.15
N ASP B 15 -20.48 0.44 -14.76
CA ASP B 15 -21.55 1.41 -14.67
C ASP B 15 -22.10 1.42 -13.24
N TYR B 16 -22.12 0.24 -12.62
CA TYR B 16 -22.55 0.17 -11.24
C TYR B 16 -21.62 0.99 -10.34
N ASN B 17 -20.30 0.93 -10.58
CA ASN B 17 -19.38 1.72 -9.78
C ASN B 17 -19.72 3.20 -9.92
N VAL B 18 -20.01 3.68 -11.12
CA VAL B 18 -20.30 5.12 -11.26
C VAL B 18 -21.54 5.50 -10.45
N GLY B 19 -22.53 4.62 -10.40
CA GLY B 19 -23.75 4.92 -9.65
C GLY B 19 -23.75 4.48 -8.21
N SER B 20 -22.58 4.16 -7.67
CA SER B 20 -22.47 3.70 -6.29
C SER B 20 -23.42 2.54 -5.98
N ARG B 21 -23.50 1.61 -6.93
CA ARG B 21 -24.40 0.50 -6.83
C ARG B 21 -23.60 -0.78 -6.57
N MET B 22 -23.96 -1.47 -5.49
CA MET B 22 -23.31 -2.72 -5.08
C MET B 22 -23.57 -3.82 -6.09
N GLN B 23 -22.53 -4.61 -6.35
CA GLN B 23 -22.57 -5.68 -7.34
C GLN B 23 -22.51 -7.04 -6.70
N GLY B 24 -21.49 -7.24 -5.88
CA GLY B 24 -21.25 -8.56 -5.32
C GLY B 24 -20.95 -9.53 -6.44
N GLN B 25 -21.77 -10.57 -6.58
CA GLN B 25 -21.52 -11.59 -7.60
C GLN B 25 -22.52 -11.48 -8.74
N LEU B 26 -23.22 -10.36 -8.80
CA LEU B 26 -23.93 -9.93 -10.00
C LEU B 26 -22.91 -9.67 -11.09
N ASP B 27 -23.17 -10.14 -12.30
CA ASP B 27 -22.19 -10.09 -13.40
C ASP B 27 -22.30 -8.83 -14.25
N THR B 28 -21.91 -7.71 -13.66
CA THR B 28 -22.03 -6.42 -14.33
C THR B 28 -20.92 -6.14 -15.35
N GLU B 29 -21.13 -5.14 -16.18
CA GLU B 29 -20.23 -4.82 -17.30
C GLU B 29 -19.30 -3.65 -17.06
N LEU B 30 -18.11 -3.73 -17.62
CA LEU B 30 -17.21 -2.58 -17.70
C LEU B 30 -17.90 -1.44 -18.43
N SER B 31 -17.71 -0.22 -17.92
CA SER B 31 -18.12 0.96 -18.65
C SER B 31 -17.07 1.34 -19.66
N GLU B 32 -17.37 2.40 -20.40
CA GLU B 32 -16.49 2.95 -21.42
C GLU B 32 -15.12 3.28 -20.84
N LEU B 33 -15.16 4.10 -19.80
CA LEU B 33 -13.96 4.47 -19.11
C LEU B 33 -13.23 3.26 -18.53
N GLY B 34 -13.99 2.25 -18.11
CA GLY B 34 -13.40 1.07 -17.50
C GLY B 34 -12.56 0.24 -18.45
N ARG B 35 -12.95 0.22 -19.71
CA ARG B 35 -12.23 -0.52 -20.75
C ARG B 35 -10.91 0.25 -21.01
N THR B 36 -11.00 1.57 -20.98
CA THR B 36 -9.83 2.38 -21.18
C THR B 36 -8.83 2.12 -20.07
N GLN B 37 -9.35 2.06 -18.86
CA GLN B 37 -8.51 1.82 -17.69
C GLN B 37 -7.82 0.48 -17.80
N ALA B 38 -8.56 -0.51 -18.31
CA ALA B 38 -8.03 -1.86 -18.41
C ALA B 38 -6.90 -1.94 -19.41
N VAL B 39 -6.98 -1.14 -20.46
CA VAL B 39 -5.90 -1.06 -21.43
C VAL B 39 -4.65 -0.49 -20.78
N ALA B 40 -4.78 0.70 -20.19
CA ALA B 40 -3.66 1.38 -19.56
C ALA B 40 -2.96 0.50 -18.52
N ALA B 41 -3.76 -0.24 -17.75
CA ALA B 41 -3.18 -1.08 -16.71
C ALA B 41 -2.45 -2.25 -17.34
N ALA B 42 -2.94 -2.68 -18.50
CA ALA B 42 -2.32 -3.80 -19.22
C ALA B 42 -0.94 -3.39 -19.69
N GLU B 43 -0.83 -2.12 -20.09
CA GLU B 43 0.42 -1.59 -20.54
C GLU B 43 1.44 -1.67 -19.43
N VAL B 44 1.10 -1.11 -18.28
CA VAL B 44 2.06 -1.05 -17.17
C VAL B 44 2.45 -2.43 -16.69
N LEU B 45 1.47 -3.27 -16.45
CA LEU B 45 1.71 -4.58 -15.87
C LEU B 45 2.33 -5.58 -16.85
N GLY B 46 2.14 -5.38 -18.15
CA GLY B 46 2.75 -6.28 -19.11
C GLY B 46 4.26 -6.23 -19.03
N LYS B 47 4.78 -5.03 -18.83
CA LYS B 47 6.21 -4.82 -18.80
C LYS B 47 6.95 -5.58 -17.72
N ARG B 48 6.25 -5.92 -16.64
CA ARG B 48 6.85 -6.66 -15.52
C ARG B 48 6.92 -8.13 -15.92
N GLN B 49 6.55 -8.43 -17.16
CA GLN B 49 6.67 -9.78 -17.69
C GLN B 49 5.97 -10.81 -16.83
N PRO B 50 4.63 -10.78 -16.79
CA PRO B 50 3.84 -11.72 -15.97
C PRO B 50 4.06 -13.19 -16.32
N LEU B 51 4.09 -14.03 -15.30
CA LEU B 51 4.28 -15.46 -15.50
C LEU B 51 2.96 -16.06 -15.96
N LEU B 52 1.88 -15.77 -15.23
CA LEU B 52 0.59 -16.35 -15.51
C LEU B 52 -0.56 -15.51 -14.94
N ILE B 53 -1.76 -15.69 -15.50
CA ILE B 53 -2.92 -14.93 -15.12
C ILE B 53 -4.11 -15.77 -14.74
N VAL B 54 -4.68 -15.46 -13.59
CA VAL B 54 -5.94 -16.04 -13.21
C VAL B 54 -6.92 -14.90 -13.05
N SER B 55 -8.14 -15.12 -13.53
CA SER B 55 -9.19 -14.11 -13.43
C SER B 55 -10.40 -14.68 -12.73
N SER B 56 -11.13 -13.81 -12.03
CA SER B 56 -12.50 -14.10 -11.60
C SER B 56 -13.29 -14.37 -12.88
N ASP B 57 -14.32 -15.20 -12.79
CA ASP B 57 -15.16 -15.48 -13.96
C ASP B 57 -16.20 -14.38 -14.19
N LEU B 58 -16.27 -13.41 -13.28
CA LEU B 58 -17.15 -12.27 -13.51
C LEU B 58 -16.61 -11.41 -14.64
N ARG B 59 -17.49 -11.01 -15.54
CA ARG B 59 -17.04 -10.42 -16.78
C ARG B 59 -16.28 -9.11 -16.59
N ARG B 60 -16.63 -8.36 -15.54
CA ARG B 60 -15.94 -7.07 -15.32
C ARG B 60 -14.46 -7.31 -15.02
N ALA B 61 -14.18 -8.44 -14.38
CA ALA B 61 -12.81 -8.84 -14.04
C ALA B 61 -12.19 -9.61 -15.20
N TYR B 62 -12.96 -10.52 -15.80
CA TYR B 62 -12.44 -11.36 -16.87
C TYR B 62 -11.96 -10.51 -18.01
N ASP B 63 -12.80 -9.57 -18.43
CA ASP B 63 -12.48 -8.72 -19.56
C ASP B 63 -11.24 -7.90 -19.24
N THR B 64 -11.13 -7.46 -17.99
CA THR B 64 -9.96 -6.70 -17.56
C THR B 64 -8.71 -7.54 -17.77
N ALA B 65 -8.80 -8.82 -17.40
CA ALA B 65 -7.67 -9.73 -17.48
C ALA B 65 -7.29 -9.98 -18.94
N VAL B 66 -8.31 -9.98 -19.80
CA VAL B 66 -8.10 -10.24 -21.21
C VAL B 66 -7.16 -9.20 -21.84
N LYS B 67 -7.38 -7.92 -21.54
CA LYS B 67 -6.53 -6.86 -22.06
C LYS B 67 -5.07 -7.11 -21.71
N LEU B 68 -4.81 -7.70 -20.55
CA LEU B 68 -3.43 -8.03 -20.18
C LEU B 68 -3.00 -9.31 -20.91
N GLY B 69 -3.88 -10.30 -20.96
CA GLY B 69 -3.59 -11.53 -21.70
C GLY B 69 -3.19 -11.26 -23.15
N GLU B 70 -3.93 -10.36 -23.79
CA GLU B 70 -3.65 -9.98 -25.16
C GLU B 70 -2.29 -9.30 -25.20
N ARG B 71 -2.07 -8.45 -24.21
CA ARG B 71 -0.86 -7.66 -24.14
C ARG B 71 0.39 -8.54 -24.06
N THR B 72 0.26 -9.70 -23.43
CA THR B 72 1.42 -10.57 -23.17
C THR B 72 1.22 -12.02 -23.60
N GLY B 73 0.12 -12.31 -24.29
CA GLY B 73 -0.06 -13.60 -24.93
C GLY B 73 -0.31 -14.86 -24.13
N LEU B 74 -0.88 -14.74 -22.93
CA LEU B 74 -1.21 -15.92 -22.13
C LEU B 74 -2.70 -16.17 -21.99
N VAL B 75 -3.07 -17.45 -21.93
CA VAL B 75 -4.43 -17.81 -21.60
C VAL B 75 -4.77 -17.27 -20.23
N VAL B 76 -5.86 -16.53 -20.18
CA VAL B 76 -6.38 -16.02 -18.94
C VAL B 76 -7.08 -17.18 -18.30
N ARG B 77 -6.48 -17.74 -17.26
CA ARG B 77 -7.17 -18.79 -16.55
C ARG B 77 -8.27 -18.14 -15.73
N VAL B 78 -9.28 -18.95 -15.41
CA VAL B 78 -10.46 -18.49 -14.70
C VAL B 78 -10.72 -19.38 -13.49
N ASP B 79 -11.01 -18.76 -12.34
CA ASP B 79 -11.32 -19.49 -11.10
C ASP B 79 -12.42 -18.72 -10.41
N THR B 80 -13.53 -19.41 -10.17
CA THR B 80 -14.67 -18.81 -9.50
C THR B 80 -14.32 -18.40 -8.07
N ARG B 81 -13.21 -18.93 -7.56
CA ARG B 81 -12.80 -18.59 -6.20
C ARG B 81 -12.22 -17.16 -6.13
N LEU B 82 -12.05 -16.51 -7.28
CA LEU B 82 -11.63 -15.11 -7.31
C LEU B 82 -12.79 -14.11 -7.35
N ARG B 83 -14.02 -14.60 -7.27
CA ARG B 83 -15.18 -13.73 -7.26
C ARG B 83 -15.21 -12.77 -6.09
N GLU B 84 -15.81 -11.59 -6.33
CA GLU B 84 -16.01 -10.61 -5.29
C GLU B 84 -16.91 -11.20 -4.24
N THR B 85 -16.82 -10.64 -3.03
CA THR B 85 -17.74 -10.89 -1.93
C THR B 85 -19.19 -11.02 -2.41
N HIS B 86 -19.87 -12.11 -2.07
CA HIS B 86 -21.30 -12.18 -2.29
C HIS B 86 -21.89 -11.25 -1.27
N LEU B 87 -22.72 -10.31 -1.72
CA LEU B 87 -23.27 -9.30 -0.82
C LEU B 87 -24.75 -9.45 -0.48
N GLY B 88 -25.31 -10.66 -0.66
CA GLY B 88 -26.68 -10.99 -0.24
C GLY B 88 -27.77 -9.98 -0.61
N ASP B 89 -28.49 -9.51 0.39
CA ASP B 89 -29.56 -8.52 0.21
C ASP B 89 -29.10 -7.21 -0.39
N TRP B 90 -27.81 -6.94 -0.37
CA TRP B 90 -27.30 -5.65 -0.82
C TRP B 90 -27.04 -5.63 -2.32
N GLN B 91 -26.98 -6.81 -2.94
CA GLN B 91 -26.66 -6.85 -4.36
C GLN B 91 -27.71 -6.10 -5.14
N GLY B 92 -27.28 -5.13 -5.94
CA GLY B 92 -28.19 -4.34 -6.74
C GLY B 92 -28.64 -3.06 -6.06
N LEU B 93 -28.37 -2.94 -4.76
CA LEU B 93 -28.77 -1.71 -4.07
C LEU B 93 -27.65 -0.68 -4.09
N THR B 94 -28.09 0.55 -3.95
CA THR B 94 -27.22 1.69 -3.93
C THR B 94 -26.78 2.04 -2.48
N HIS B 95 -25.69 2.79 -2.32
CA HIS B 95 -25.28 3.23 -0.99
C HIS B 95 -26.44 3.97 -0.31
N ALA B 96 -26.99 4.94 -1.03
CA ALA B 96 -28.09 5.72 -0.52
C ALA B 96 -29.22 4.79 -0.08
N GLN B 97 -29.44 3.72 -0.85
CA GLN B 97 -30.53 2.77 -0.61
C GLN B 97 -30.31 1.91 0.63
N ILE B 98 -29.09 1.42 0.78
CA ILE B 98 -28.71 0.61 1.92
C ILE B 98 -28.73 1.48 3.17
N ASP B 99 -28.21 2.69 3.06
CA ASP B 99 -28.14 3.54 4.22
C ASP B 99 -29.54 3.92 4.69
N ALA B 100 -30.50 4.05 3.77
CA ALA B 100 -31.87 4.40 4.15
C ALA B 100 -32.57 3.30 4.92
N ASP B 101 -32.37 2.05 4.49
CA ASP B 101 -32.90 0.89 5.20
C ASP B 101 -32.13 0.50 6.47
N ALA B 102 -30.79 0.55 6.43
CA ALA B 102 -29.99 0.12 7.58
C ALA B 102 -28.87 1.17 7.85
N PRO B 103 -29.27 2.30 8.44
CA PRO B 103 -28.32 3.40 8.72
C PRO B 103 -27.13 2.91 9.54
N GLY B 104 -25.92 3.28 9.16
CA GLY B 104 -24.71 2.91 9.90
C GLY B 104 -24.24 1.47 9.70
N ALA B 105 -25.03 0.65 9.03
CA ALA B 105 -24.62 -0.73 8.79
C ALA B 105 -23.48 -0.83 7.76
N ARG B 106 -23.54 0.01 6.76
CA ARG B 106 -22.54 0.00 5.70
C ARG B 106 -21.17 0.40 6.27
N LEU B 107 -21.15 1.45 7.06
CA LEU B 107 -19.92 1.92 7.65
C LEU B 107 -19.38 0.90 8.65
N ALA B 108 -20.24 0.40 9.52
CA ALA B 108 -19.82 -0.56 10.51
C ALA B 108 -19.28 -1.83 9.84
N TRP B 109 -19.87 -2.19 8.72
CA TRP B 109 -19.47 -3.38 7.97
C TRP B 109 -17.98 -3.27 7.58
N ARG B 110 -17.58 -2.09 7.08
CA ARG B 110 -16.18 -1.86 6.67
C ARG B 110 -15.19 -2.10 7.82
N GLU B 111 -15.63 -1.83 9.04
CA GLU B 111 -14.79 -1.96 10.21
C GLU B 111 -14.80 -3.33 10.86
N ASP B 112 -15.54 -4.30 10.31
CA ASP B 112 -15.57 -5.63 10.94
C ASP B 112 -15.47 -6.73 9.91
N ALA B 113 -14.26 -7.29 9.77
CA ALA B 113 -14.00 -8.26 8.74
C ALA B 113 -14.83 -9.55 8.89
N THR B 114 -15.49 -9.67 10.04
CA THR B 114 -16.31 -10.83 10.34
C THR B 114 -17.79 -10.61 10.03
N TRP B 115 -18.18 -9.37 9.74
CA TRP B 115 -19.59 -9.09 9.51
C TRP B 115 -20.02 -9.28 8.06
N ALA B 116 -21.14 -9.97 7.86
CA ALA B 116 -21.65 -10.20 6.53
C ALA B 116 -23.01 -9.54 6.34
N PRO B 117 -23.27 -8.99 5.14
CA PRO B 117 -24.66 -8.61 4.84
C PRO B 117 -25.54 -9.84 4.82
N HIS B 118 -26.82 -9.69 5.15
CA HIS B 118 -27.68 -10.85 5.21
C HIS B 118 -27.66 -11.59 3.87
N GLY B 119 -27.37 -12.89 3.93
CA GLY B 119 -27.29 -13.75 2.77
C GLY B 119 -25.92 -13.79 2.11
N GLY B 120 -25.04 -12.92 2.58
CA GLY B 120 -23.77 -12.74 1.90
C GLY B 120 -22.61 -13.32 2.68
N GLU B 121 -21.43 -12.85 2.30
CA GLU B 121 -20.18 -13.32 2.84
C GLU B 121 -19.49 -12.23 3.61
N SER B 122 -18.74 -12.65 4.60
CA SER B 122 -17.85 -11.77 5.31
C SER B 122 -16.49 -11.76 4.63
N ARG B 123 -15.62 -10.84 5.01
CA ARG B 123 -14.24 -10.85 4.53
C ARG B 123 -13.54 -12.15 4.96
N VAL B 124 -13.78 -12.57 6.19
CA VAL B 124 -13.19 -13.84 6.65
C VAL B 124 -13.63 -14.99 5.69
N ASP B 125 -14.93 -15.06 5.32
CA ASP B 125 -15.42 -16.09 4.38
C ASP B 125 -14.70 -16.01 3.05
N VAL B 126 -14.51 -14.78 2.56
CA VAL B 126 -13.87 -14.59 1.27
C VAL B 126 -12.39 -15.04 1.31
N ALA B 127 -11.70 -14.77 2.40
CA ALA B 127 -10.30 -15.15 2.46
C ALA B 127 -10.17 -16.67 2.45
N ALA B 128 -11.04 -17.33 3.22
CA ALA B 128 -10.95 -18.79 3.36
C ALA B 128 -11.20 -19.51 2.04
N ARG B 129 -12.07 -18.98 1.17
CA ARG B 129 -12.35 -19.66 -0.09
C ARG B 129 -11.32 -19.34 -1.17
N SER B 130 -10.72 -18.16 -1.14
CA SER B 130 -9.78 -17.76 -2.17
C SER B 130 -8.34 -18.17 -1.84
N ARG B 131 -7.97 -18.20 -0.57
CA ARG B 131 -6.57 -18.47 -0.21
C ARG B 131 -6.07 -19.83 -0.73
N PRO B 132 -6.92 -20.87 -0.68
CA PRO B 132 -6.46 -22.14 -1.25
C PRO B 132 -5.98 -22.04 -2.71
N LEU B 133 -6.46 -21.07 -3.48
CA LEU B 133 -5.98 -20.95 -4.85
C LEU B 133 -4.52 -20.56 -4.89
N VAL B 134 -4.12 -19.64 -4.02
CA VAL B 134 -2.71 -19.25 -4.00
C VAL B 134 -1.82 -20.45 -3.65
N ALA B 135 -2.14 -21.17 -2.58
CA ALA B 135 -1.33 -22.32 -2.16
C ALA B 135 -1.26 -23.38 -3.25
N GLU B 136 -2.32 -23.54 -4.02
CA GLU B 136 -2.33 -24.47 -5.13
C GLU B 136 -1.35 -24.03 -6.20
N LEU B 137 -1.27 -22.73 -6.44
CA LEU B 137 -0.35 -22.21 -7.45
C LEU B 137 1.07 -22.26 -6.99
N VAL B 138 1.27 -22.18 -5.68
CA VAL B 138 2.58 -22.40 -5.13
C VAL B 138 3.03 -23.83 -5.52
N ALA B 139 2.20 -24.81 -5.18
CA ALA B 139 2.54 -26.20 -5.49
C ALA B 139 2.63 -26.49 -7.00
N SER B 140 1.63 -26.10 -7.78
CA SER B 140 1.50 -26.56 -9.17
C SER B 140 2.34 -25.79 -10.20
N GLU B 141 3.04 -24.76 -9.75
CA GLU B 141 3.82 -23.88 -10.63
C GLU B 141 5.29 -23.74 -10.20
N PRO B 142 6.16 -24.63 -10.72
CA PRO B 142 7.55 -24.73 -10.28
C PRO B 142 8.40 -23.47 -10.46
N GLU B 143 8.04 -22.66 -11.44
CA GLU B 143 8.89 -21.56 -11.87
C GLU B 143 8.80 -20.35 -10.93
N TRP B 144 7.71 -20.28 -10.16
CA TRP B 144 7.45 -19.18 -9.22
C TRP B 144 7.70 -17.81 -9.82
N GLU B 149 14.27 -17.05 -13.61
CA GLU B 149 13.49 -15.81 -13.55
C GLU B 149 12.46 -15.77 -12.42
N PRO B 150 12.92 -15.62 -11.18
CA PRO B 150 11.94 -15.72 -10.08
C PRO B 150 11.22 -14.40 -9.76
N ASP B 151 11.44 -13.34 -10.54
CA ASP B 151 10.79 -12.03 -10.26
C ASP B 151 9.55 -11.79 -11.12
N ARG B 152 9.33 -12.65 -12.09
CA ARG B 152 8.13 -12.59 -12.90
C ARG B 152 6.90 -12.82 -12.03
N PRO B 153 5.92 -11.92 -12.10
CA PRO B 153 4.76 -12.01 -11.20
C PRO B 153 3.63 -12.91 -11.64
N VAL B 154 3.00 -13.57 -10.67
CA VAL B 154 1.68 -14.18 -10.90
C VAL B 154 0.59 -13.12 -10.69
N VAL B 155 -0.33 -13.00 -11.64
CA VAL B 155 -1.34 -11.95 -11.64
C VAL B 155 -2.75 -12.46 -11.46
N LEU B 156 -3.37 -12.02 -10.37
CA LEU B 156 -4.76 -12.33 -10.09
C LEU B 156 -5.58 -11.09 -10.41
N VAL B 157 -6.56 -11.27 -11.28
CA VAL B 157 -7.44 -10.19 -11.68
C VAL B 157 -8.81 -10.42 -11.04
N ALA B 158 -9.28 -9.45 -10.27
CA ALA B 158 -10.41 -9.75 -9.39
C ALA B 158 -11.05 -8.49 -8.93
N HIS B 159 -11.30 -8.37 -7.63
CA HIS B 159 -12.19 -7.35 -7.08
C HIS B 159 -11.65 -6.80 -5.78
N GLY B 160 -12.13 -5.60 -5.43
CA GLY B 160 -11.60 -4.85 -4.30
C GLY B 160 -11.74 -5.59 -2.97
N GLY B 161 -12.93 -6.12 -2.70
CA GLY B 161 -13.16 -6.89 -1.49
C GLY B 161 -12.26 -8.12 -1.43
N LEU B 162 -12.28 -8.88 -2.50
CA LEU B 162 -11.49 -10.08 -2.52
C LEU B 162 -10.00 -9.76 -2.30
N ILE B 163 -9.51 -8.69 -2.90
CA ILE B 163 -8.08 -8.39 -2.80
C ILE B 163 -7.67 -8.03 -1.36
N ALA B 164 -8.46 -7.17 -0.73
CA ALA B 164 -8.22 -6.76 0.63
C ALA B 164 -8.19 -7.96 1.57
N ALA B 165 -9.19 -8.84 1.43
CA ALA B 165 -9.35 -9.97 2.32
C ALA B 165 -8.22 -10.98 2.13
N LEU B 166 -7.96 -11.29 0.87
CA LEU B 166 -6.92 -12.25 0.56
C LEU B 166 -5.55 -11.73 1.00
N SER B 167 -5.28 -10.45 0.69
CA SER B 167 -4.00 -9.82 1.09
C SER B 167 -3.83 -9.87 2.60
N ALA B 168 -4.87 -9.46 3.35
CA ALA B 168 -4.77 -9.45 4.79
C ALA B 168 -4.47 -10.86 5.32
N ALA B 169 -5.09 -11.86 4.70
CA ALA B 169 -4.92 -13.26 5.08
C ALA B 169 -3.51 -13.76 4.73
N LEU B 170 -3.00 -13.35 3.58
CA LEU B 170 -1.62 -13.75 3.27
C LEU B 170 -0.61 -13.08 4.24
N LEU B 171 -0.85 -11.81 4.56
CA LEU B 171 0.04 -11.10 5.48
C LEU B 171 -0.04 -11.63 6.90
N LYS B 172 -1.04 -12.46 7.15
CA LYS B 172 -1.30 -13.02 8.46
C LYS B 172 -1.62 -11.93 9.47
N LEU B 173 -2.19 -10.84 8.96
CA LEU B 173 -2.78 -9.84 9.84
C LEU B 173 -3.87 -10.44 10.70
N PRO B 174 -3.90 -10.02 11.97
CA PRO B 174 -5.05 -10.47 12.75
C PRO B 174 -6.36 -9.91 12.17
N VAL B 175 -7.46 -10.68 12.26
CA VAL B 175 -8.74 -10.33 11.65
C VAL B 175 -9.16 -8.94 12.07
N ALA B 176 -8.88 -8.60 13.31
CA ALA B 176 -9.21 -7.29 13.87
C ALA B 176 -8.56 -6.14 13.11
N ASN B 177 -7.44 -6.41 12.45
CA ASN B 177 -6.72 -5.35 11.73
C ASN B 177 -6.97 -5.39 10.23
N TRP B 178 -7.78 -6.33 9.75
CA TRP B 178 -8.05 -6.39 8.31
C TRP B 178 -8.60 -5.08 7.73
N PRO B 179 -9.39 -4.32 8.51
CA PRO B 179 -9.91 -3.06 7.94
C PRO B 179 -8.81 -1.98 7.72
N ALA B 180 -7.58 -2.31 8.07
CA ALA B 180 -6.45 -1.40 7.86
C ALA B 180 -6.24 -1.15 6.38
N LEU B 181 -6.64 -2.11 5.56
CA LEU B 181 -6.48 -1.99 4.11
C LEU B 181 -7.65 -1.25 3.42
N GLY B 182 -7.36 -0.12 2.81
CA GLY B 182 -8.39 0.66 2.17
C GLY B 182 -8.69 0.21 0.76
N GLY B 183 -9.82 0.62 0.27
CA GLY B 183 -10.36 0.14 -0.99
C GLY B 183 -9.50 0.47 -2.18
N MET B 184 -9.31 -0.52 -3.03
CA MET B 184 -8.53 -0.36 -4.23
C MET B 184 -9.25 0.48 -5.27
N GLY B 185 -8.51 1.31 -5.99
CA GLY B 185 -9.08 2.00 -7.13
C GLY B 185 -9.33 1.03 -8.28
N ASN B 186 -10.17 1.44 -9.23
CA ASN B 186 -10.39 0.67 -10.46
C ASN B 186 -9.12 0.53 -11.27
N ALA B 187 -8.86 -0.67 -11.75
CA ALA B 187 -7.67 -0.96 -12.50
C ALA B 187 -6.42 -0.58 -11.73
N SER B 188 -6.53 -0.55 -10.40
CA SER B 188 -5.36 -0.36 -9.58
C SER B 188 -4.87 -1.74 -9.12
N TRP B 189 -3.59 -1.82 -8.76
CA TRP B 189 -3.01 -3.11 -8.40
C TRP B 189 -2.20 -3.10 -7.10
N THR B 190 -2.00 -4.30 -6.57
CA THR B 190 -1.30 -4.51 -5.31
C THR B 190 -0.25 -5.57 -5.50
N GLN B 191 0.88 -5.46 -4.81
CA GLN B 191 1.88 -6.49 -4.93
C GLN B 191 2.31 -7.00 -3.58
N LEU B 192 2.27 -8.32 -3.47
CA LEU B 192 2.80 -9.01 -2.31
C LEU B 192 4.02 -9.82 -2.71
N SER B 193 4.93 -9.97 -1.75
CA SER B 193 6.09 -10.82 -1.91
C SER B 193 6.08 -11.92 -0.84
N GLY B 194 6.19 -13.16 -1.29
CA GLY B 194 6.26 -14.32 -0.42
C GLY B 194 7.66 -14.91 -0.33
N HIS B 195 8.27 -14.78 0.85
CA HIS B 195 9.64 -15.22 1.07
C HIS B 195 9.74 -16.59 1.75
N SER B 204 5.98 -22.31 6.72
CA SER B 204 5.12 -21.64 5.74
C SER B 204 5.75 -20.31 5.38
N ILE B 205 5.37 -19.87 4.19
CA ILE B 205 5.82 -18.62 3.60
C ILE B 205 5.35 -17.33 4.32
N ARG B 206 6.27 -16.36 4.47
CA ARG B 206 5.90 -15.03 5.00
C ARG B 206 5.81 -13.99 3.89
N TRP B 207 4.60 -13.45 3.76
CA TRP B 207 4.24 -12.47 2.75
C TRP B 207 4.46 -11.08 3.30
N ARG B 208 4.93 -10.20 2.43
CA ARG B 208 4.98 -8.79 2.77
C ARG B 208 4.38 -7.96 1.64
N LEU B 209 3.99 -6.75 2.00
CA LEU B 209 3.32 -5.87 1.08
C LEU B 209 4.32 -4.94 0.40
N ASP B 210 4.50 -5.10 -0.91
CA ASP B 210 5.40 -4.22 -1.65
C ASP B 210 4.66 -2.98 -2.15
N VAL B 211 3.43 -3.16 -2.57
CA VAL B 211 2.68 -2.09 -3.23
C VAL B 211 1.23 -2.27 -2.85
N TRP B 212 0.58 -1.21 -2.38
CA TRP B 212 -0.89 -1.24 -2.20
C TRP B 212 -1.57 -0.09 -3.00
N ASN B 213 -2.39 -0.47 -3.98
CA ASN B 213 -3.28 0.44 -4.70
C ASN B 213 -2.50 1.44 -5.55
N ALA B 214 -1.56 0.92 -6.33
CA ALA B 214 -0.90 1.69 -7.37
C ALA B 214 -1.87 1.78 -8.53
N SER B 215 -1.85 2.90 -9.23
CA SER B 215 -2.79 3.17 -10.31
C SER B 215 -2.20 2.87 -11.68
V VN3 C . 16.56 5.73 2.83
O1 VN3 C . 17.06 6.65 4.01
O2 VN3 C . 17.48 5.18 1.70
O3 VN3 C . 15.01 5.42 2.71
V VN3 D . -15.75 -4.42 -7.62
O1 VN3 D . -16.23 -5.91 -7.84
O2 VN3 D . -16.67 -3.17 -7.29
O3 VN3 D . -14.32 -4.38 -6.89
#